data_7MIQ
#
_entry.id   7MIQ
#
_cell.length_a   56.254
_cell.length_b   50.411
_cell.length_c   69.620
_cell.angle_alpha   90.000
_cell.angle_beta   90.140
_cell.angle_gamma   90.000
#
_symmetry.space_group_name_H-M   'P 1 21 1'
#
loop_
_entity.id
_entity.type
_entity.pdbx_description
1 polymer 'Glutathione S-transferase'
2 non-polymer DI(HYDROXYETHYL)ETHER
3 non-polymer 'SULFATE ION'
4 water water
#
_entity_poly.entity_id   1
_entity_poly.type   'polypeptide(L)'
_entity_poly.pdbx_seq_one_letter_code
;MKLYETAMTPSCKRVSIFLKEIGGEVERVALNVREGDNLSESFKQKSVNGKVPLLELDDGTTICESVAICRYLDEAFEND
LALFGANQLERAQVEMWHRVVEFQGLYAAFQAFRNITAIYQDRENCVAAWGEESKSRVLEFLPTLDTRLSESEYIATDQF
SVVDITGYIFIGFAVNGLSIEVFEKYPNIARWFEQVSARDAFQSSGLEVLFQ
;
_entity_poly.pdbx_strand_id   A,B
#
loop_
_chem_comp.id
_chem_comp.type
_chem_comp.name
_chem_comp.formula
PEG non-polymer DI(HYDROXYETHYL)ETHER 'C4 H10 O3'
SO4 non-polymer 'SULFATE ION' 'O4 S -2'
#
# COMPACT_ATOMS: atom_id res chain seq x y z
N MET A 1 24.75 -7.32 -0.13
CA MET A 1 23.44 -7.93 -0.35
C MET A 1 23.24 -8.28 -1.83
N LYS A 2 22.16 -8.99 -2.12
CA LYS A 2 21.84 -9.40 -3.47
C LYS A 2 20.39 -9.04 -3.78
N LEU A 3 20.14 -8.66 -5.03
CA LEU A 3 18.80 -8.32 -5.52
C LEU A 3 18.43 -9.29 -6.62
N TYR A 4 17.43 -10.13 -6.36
CA TYR A 4 16.91 -11.09 -7.34
C TYR A 4 15.83 -10.43 -8.18
N GLU A 5 15.96 -10.53 -9.50
CA GLU A 5 15.08 -9.79 -10.40
C GLU A 5 15.01 -10.52 -11.72
N THR A 6 13.96 -10.20 -12.49
CA THR A 6 13.90 -10.57 -13.89
C THR A 6 14.30 -9.38 -14.75
N ALA A 7 14.52 -9.64 -16.04
CA ALA A 7 15.30 -8.71 -16.86
C ALA A 7 14.56 -7.39 -17.09
N MET A 8 13.26 -7.45 -17.33
CA MET A 8 12.53 -6.24 -17.77
C MET A 8 11.09 -6.37 -17.28
N THR A 9 10.88 -6.00 -16.02
N THR A 9 10.87 -5.97 -16.03
CA THR A 9 9.54 -6.04 -15.45
CA THR A 9 9.57 -6.07 -15.38
C THR A 9 9.35 -4.82 -14.56
C THR A 9 9.35 -4.84 -14.51
N PRO A 10 8.15 -4.25 -14.53
CA PRO A 10 7.94 -2.99 -13.80
C PRO A 10 8.27 -3.05 -12.32
N SER A 11 7.90 -4.15 -11.64
CA SER A 11 8.13 -4.23 -10.20
C SER A 11 9.61 -4.17 -9.88
N CYS A 12 10.45 -4.80 -10.69
CA CYS A 12 11.89 -4.74 -10.46
C CYS A 12 12.47 -3.39 -10.87
N LYS A 13 11.94 -2.79 -11.94
CA LYS A 13 12.41 -1.45 -12.33
C LYS A 13 12.10 -0.41 -11.27
N ARG A 14 11.05 -0.61 -10.47
CA ARG A 14 10.78 0.31 -9.37
C ARG A 14 11.96 0.37 -8.42
N VAL A 15 12.57 -0.78 -8.13
CA VAL A 15 13.73 -0.83 -7.25
C VAL A 15 14.97 -0.30 -7.95
N SER A 16 15.15 -0.64 -9.24
CA SER A 16 16.34 -0.23 -9.98
C SER A 16 16.45 1.28 -10.07
N ILE A 17 15.34 1.96 -10.35
CA ILE A 17 15.36 3.42 -10.46
C ILE A 17 15.68 4.04 -9.09
N PHE A 18 15.04 3.51 -8.04
CA PHE A 18 15.31 4.00 -6.68
C PHE A 18 16.77 3.86 -6.30
N LEU A 19 17.35 2.69 -6.60
CA LEU A 19 18.76 2.46 -6.28
C LEU A 19 19.66 3.44 -7.03
N LYS A 20 19.35 3.72 -8.30
CA LYS A 20 20.13 4.70 -9.05
C LYS A 20 19.99 6.09 -8.45
N GLU A 21 18.78 6.47 -8.03
CA GLU A 21 18.56 7.81 -7.47
C GLU A 21 19.44 8.02 -6.24
N ILE A 22 19.50 7.04 -5.34
CA ILE A 22 20.23 7.22 -4.09
C ILE A 22 21.70 6.88 -4.22
N GLY A 23 22.15 6.43 -5.39
CA GLY A 23 23.57 6.17 -5.59
C GLY A 23 24.06 4.90 -4.98
N GLY A 24 23.18 3.91 -4.79
CA GLY A 24 23.57 2.63 -4.22
C GLY A 24 23.86 1.61 -5.30
N GLU A 25 24.61 0.58 -4.91
CA GLU A 25 24.98 -0.51 -5.82
C GLU A 25 24.79 -1.84 -5.09
N VAL A 26 24.01 -2.73 -5.69
N VAL A 26 24.06 -2.75 -5.73
CA VAL A 26 23.82 -4.07 -5.15
CA VAL A 26 23.75 -4.06 -5.16
C VAL A 26 24.09 -5.07 -6.26
C VAL A 26 23.94 -5.12 -6.23
N GLU A 27 24.55 -6.24 -5.86
CA GLU A 27 24.75 -7.33 -6.81
C GLU A 27 23.40 -7.87 -7.26
N ARG A 28 23.23 -8.03 -8.58
CA ARG A 28 22.00 -8.52 -9.16
C ARG A 28 22.13 -10.00 -9.49
N VAL A 29 21.04 -10.74 -9.26
CA VAL A 29 20.96 -12.13 -9.67
C VAL A 29 19.76 -12.27 -10.59
N ALA A 30 19.99 -12.67 -11.84
CA ALA A 30 18.91 -12.84 -12.80
C ALA A 30 18.16 -14.13 -12.52
N LEU A 31 16.83 -14.06 -12.63
CA LEU A 31 15.95 -15.22 -12.55
C LEU A 31 15.16 -15.36 -13.83
N ASN A 32 14.62 -16.55 -14.07
CA ASN A 32 13.69 -16.73 -15.18
C ASN A 32 12.35 -16.07 -14.88
N VAL A 33 11.66 -15.66 -15.93
CA VAL A 33 10.29 -15.16 -15.80
C VAL A 33 9.34 -16.35 -15.70
N ARG A 34 8.46 -16.32 -14.69
CA ARG A 34 7.54 -17.43 -14.45
C ARG A 34 6.09 -17.06 -14.71
N GLU A 35 5.84 -15.93 -15.38
CA GLU A 35 4.50 -15.42 -15.64
C GLU A 35 3.71 -15.27 -14.35
N GLY A 36 2.38 -15.25 -14.45
CA GLY A 36 1.53 -14.98 -13.31
C GLY A 36 1.87 -13.65 -12.69
N ASP A 37 2.57 -12.82 -13.48
CA ASP A 37 3.16 -11.57 -13.05
C ASP A 37 4.11 -11.75 -11.89
N ASN A 38 5.42 -11.69 -12.17
CA ASN A 38 6.51 -11.58 -11.21
C ASN A 38 6.71 -12.82 -10.36
N LEU A 39 5.96 -13.90 -10.59
CA LEU A 39 6.00 -15.05 -9.70
C LEU A 39 7.36 -15.74 -9.77
N SER A 40 7.76 -16.31 -8.63
CA SER A 40 8.99 -17.08 -8.53
C SER A 40 8.70 -18.57 -8.77
N GLU A 41 9.79 -19.32 -8.97
CA GLU A 41 9.71 -20.75 -9.25
C GLU A 41 9.43 -21.57 -8.00
N SER A 42 10.11 -22.71 -7.86
CA SER A 42 10.03 -23.52 -6.65
C SER A 42 10.81 -22.92 -5.49
N PHE A 43 11.64 -21.90 -5.75
CA PHE A 43 12.37 -21.19 -4.71
C PHE A 43 11.55 -20.02 -4.13
N LYS A 44 10.26 -19.97 -4.46
CA LYS A 44 9.39 -18.84 -4.11
C LYS A 44 9.17 -18.68 -2.62
N GLN A 45 9.40 -19.72 -1.81
CA GLN A 45 9.13 -19.61 -0.38
C GLN A 45 10.02 -18.59 0.31
N LYS A 46 11.19 -18.25 -0.28
CA LYS A 46 12.01 -17.16 0.22
C LYS A 46 11.32 -15.81 0.06
N SER A 47 10.26 -15.73 -0.74
CA SER A 47 9.50 -14.51 -0.98
C SER A 47 8.11 -14.67 -0.40
N VAL A 48 7.80 -13.86 0.61
CA VAL A 48 6.50 -13.97 1.29
C VAL A 48 5.36 -13.80 0.30
N ASN A 49 5.50 -12.86 -0.64
CA ASN A 49 4.46 -12.66 -1.65
C ASN A 49 4.68 -13.53 -2.88
N GLY A 50 5.75 -14.31 -2.92
CA GLY A 50 6.01 -15.23 -4.01
C GLY A 50 6.43 -14.59 -5.31
N LYS A 51 7.00 -13.39 -5.26
CA LYS A 51 7.30 -12.65 -6.48
C LYS A 51 8.67 -11.99 -6.38
N VAL A 52 9.19 -11.59 -7.53
CA VAL A 52 10.36 -10.72 -7.63
C VAL A 52 9.84 -9.29 -7.68
N PRO A 53 10.63 -8.29 -7.27
CA PRO A 53 12.01 -8.38 -6.77
C PRO A 53 12.13 -8.94 -5.36
N LEU A 54 13.31 -9.47 -5.05
CA LEU A 54 13.59 -10.03 -3.74
C LEU A 54 14.99 -9.59 -3.32
N LEU A 55 15.08 -8.95 -2.16
CA LEU A 55 16.36 -8.49 -1.63
C LEU A 55 16.84 -9.47 -0.58
N GLU A 56 18.11 -9.89 -0.68
CA GLU A 56 18.70 -10.82 0.27
C GLU A 56 19.85 -10.13 0.98
N LEU A 57 19.75 -10.00 2.30
CA LEU A 57 20.77 -9.34 3.09
C LEU A 57 21.98 -10.26 3.30
N ASP A 58 23.07 -9.67 3.79
CA ASP A 58 24.28 -10.45 4.03
C ASP A 58 24.03 -11.64 4.96
N ASP A 59 23.14 -11.49 5.94
CA ASP A 59 22.88 -12.57 6.88
C ASP A 59 21.81 -13.55 6.39
N GLY A 60 21.35 -13.40 5.16
CA GLY A 60 20.38 -14.32 4.60
C GLY A 60 18.93 -13.90 4.72
N THR A 61 18.64 -12.84 5.46
CA THR A 61 17.27 -12.34 5.55
C THR A 61 16.80 -11.88 4.17
N THR A 62 15.55 -12.19 3.83
CA THR A 62 14.97 -11.76 2.56
C THR A 62 13.83 -10.78 2.78
N ILE A 63 13.73 -9.80 1.89
CA ILE A 63 12.69 -8.78 1.90
C ILE A 63 12.06 -8.74 0.51
N CYS A 64 10.75 -8.91 0.44
CA CYS A 64 10.00 -8.76 -0.81
C CYS A 64 9.14 -7.51 -0.73
N GLU A 65 8.40 -7.24 -1.83
CA GLU A 65 7.64 -6.01 -2.06
C GLU A 65 8.57 -4.87 -2.44
N SER A 66 8.34 -4.28 -3.63
N SER A 66 8.35 -4.28 -3.62
CA SER A 66 9.25 -3.27 -4.15
CA SER A 66 9.29 -3.28 -4.14
C SER A 66 9.46 -2.13 -3.17
C SER A 66 9.46 -2.11 -3.18
N VAL A 67 8.37 -1.62 -2.59
CA VAL A 67 8.47 -0.46 -1.70
C VAL A 67 9.22 -0.82 -0.42
N ALA A 68 9.02 -2.03 0.09
CA ALA A 68 9.74 -2.45 1.30
C ALA A 68 11.23 -2.59 1.03
N ILE A 69 11.59 -3.09 -0.15
CA ILE A 69 13.00 -3.15 -0.55
C ILE A 69 13.59 -1.74 -0.63
N CYS A 70 12.83 -0.81 -1.23
CA CYS A 70 13.32 0.57 -1.33
C CYS A 70 13.49 1.20 0.06
N ARG A 71 12.58 0.91 0.98
CA ARG A 71 12.70 1.49 2.32
C ARG A 71 13.98 1.00 3.00
N TYR A 72 14.31 -0.28 2.86
CA TYR A 72 15.56 -0.78 3.43
C TYR A 72 16.77 -0.14 2.75
N LEU A 73 16.76 -0.10 1.42
CA LEU A 73 17.89 0.46 0.68
C LEU A 73 18.09 1.94 1.00
N ASP A 74 16.99 2.67 1.26
CA ASP A 74 17.11 4.08 1.61
C ASP A 74 17.97 4.26 2.86
N GLU A 75 17.82 3.37 3.84
CA GLU A 75 18.65 3.43 5.03
C GLU A 75 20.01 2.78 4.84
N ALA A 76 20.12 1.84 3.89
CA ALA A 76 21.39 1.17 3.66
C ALA A 76 22.40 2.08 2.96
N PHE A 77 21.93 2.97 2.09
CA PHE A 77 22.80 3.89 1.36
C PHE A 77 22.42 5.31 1.73
N GLU A 78 23.16 5.89 2.67
CA GLU A 78 22.90 7.24 3.12
C GLU A 78 22.88 8.21 1.94
N ASN A 79 21.87 9.07 1.90
CA ASN A 79 21.67 9.99 0.79
C ASN A 79 20.82 11.14 1.29
N ASP A 80 20.81 12.24 0.53
CA ASP A 80 20.08 13.44 0.91
C ASP A 80 18.87 13.70 0.01
N LEU A 81 18.40 12.68 -0.70
N LEU A 81 18.38 12.69 -0.70
CA LEU A 81 17.22 12.86 -1.60
CA LEU A 81 17.21 12.85 -1.61
C LEU A 81 15.91 12.89 -0.80
C LEU A 81 15.91 12.89 -0.80
N ALA A 82 15.89 12.40 0.43
CA ALA A 82 14.66 12.25 1.22
C ALA A 82 13.50 11.69 0.37
N LEU A 83 13.74 10.57 -0.31
CA LEU A 83 12.73 10.05 -1.24
C LEU A 83 11.44 9.63 -0.54
N PHE A 84 11.48 9.33 0.76
CA PHE A 84 10.27 9.03 1.50
C PHE A 84 9.74 10.25 2.26
N GLY A 85 10.36 11.40 2.11
CA GLY A 85 9.89 12.61 2.76
C GLY A 85 10.91 13.18 3.72
N ALA A 86 11.08 14.50 3.71
CA ALA A 86 12.16 15.15 4.47
C ALA A 86 11.77 15.54 5.89
N ASN A 87 10.47 15.64 6.18
CA ASN A 87 10.00 16.01 7.52
C ASN A 87 8.69 15.29 7.77
N GLN A 88 8.09 15.56 8.94
CA GLN A 88 6.91 14.81 9.36
C GLN A 88 5.77 14.95 8.35
N LEU A 89 5.48 16.18 7.93
CA LEU A 89 4.38 16.39 7.00
C LEU A 89 4.65 15.74 5.65
N GLU A 90 5.87 15.92 5.11
CA GLU A 90 6.21 15.30 3.84
C GLU A 90 6.11 13.78 3.91
N ARG A 91 6.56 13.19 5.01
CA ARG A 91 6.50 11.72 5.13
C ARG A 91 5.06 11.24 5.11
N ALA A 92 4.14 12.00 5.70
CA ALA A 92 2.73 11.62 5.67
C ALA A 92 2.13 11.85 4.29
N GLN A 93 2.51 12.94 3.63
CA GLN A 93 2.00 13.20 2.29
C GLN A 93 2.53 12.19 1.28
N VAL A 94 3.78 11.76 1.45
CA VAL A 94 4.32 10.70 0.61
C VAL A 94 3.50 9.43 0.79
N GLU A 95 3.26 9.03 2.05
CA GLU A 95 2.46 7.85 2.32
C GLU A 95 1.06 7.98 1.71
N MET A 96 0.44 9.14 1.89
CA MET A 96 -0.90 9.35 1.34
C MET A 96 -0.91 9.23 -0.18
N TRP A 97 -0.05 10.00 -0.86
CA TRP A 97 -0.09 10.02 -2.33
C TRP A 97 0.45 8.72 -2.91
N HIS A 98 1.39 8.05 -2.23
CA HIS A 98 1.85 6.76 -2.72
C HIS A 98 0.70 5.77 -2.78
N ARG A 99 -0.12 5.72 -1.73
CA ARG A 99 -1.22 4.78 -1.70
C ARG A 99 -2.31 5.14 -2.70
N VAL A 100 -2.57 6.44 -2.87
CA VAL A 100 -3.55 6.87 -3.87
C VAL A 100 -3.10 6.47 -5.27
N VAL A 101 -1.85 6.76 -5.61
CA VAL A 101 -1.33 6.41 -6.94
C VAL A 101 -1.32 4.89 -7.12
N GLU A 102 -0.93 4.15 -6.09
N GLU A 102 -0.96 4.15 -6.07
CA GLU A 102 -0.83 2.67 -6.20
CA GLU A 102 -0.84 2.68 -6.21
C GLU A 102 -2.23 2.05 -6.35
C GLU A 102 -2.23 2.04 -6.35
N PHE A 103 -3.16 2.29 -5.43
CA PHE A 103 -4.51 1.70 -5.56
C PHE A 103 -5.24 2.23 -6.79
N GLN A 104 -5.45 3.54 -6.85
CA GLN A 104 -6.31 4.10 -7.88
C GLN A 104 -5.66 4.14 -9.25
N GLY A 105 -4.33 4.01 -9.32
CA GLY A 105 -3.65 4.08 -10.59
C GLY A 105 -2.91 2.81 -10.98
N LEU A 106 -1.79 2.55 -10.31
CA LEU A 106 -0.90 1.47 -10.72
C LEU A 106 -1.61 0.11 -10.68
N TYR A 107 -2.24 -0.21 -9.56
CA TYR A 107 -2.90 -1.51 -9.42
C TYR A 107 -3.98 -1.69 -10.47
N ALA A 108 -4.77 -0.65 -10.73
CA ALA A 108 -5.80 -0.72 -11.76
C ALA A 108 -5.18 -0.88 -13.15
N ALA A 109 -4.01 -0.27 -13.38
CA ALA A 109 -3.35 -0.42 -14.68
C ALA A 109 -2.82 -1.83 -14.87
N PHE A 110 -2.24 -2.41 -13.81
CA PHE A 110 -1.82 -3.81 -13.84
C PHE A 110 -2.99 -4.72 -14.23
N GLN A 111 -4.13 -4.56 -13.54
CA GLN A 111 -5.27 -5.44 -13.78
C GLN A 111 -5.82 -5.29 -15.19
N ALA A 112 -5.88 -4.07 -15.70
CA ALA A 112 -6.35 -3.87 -17.07
C ALA A 112 -5.37 -4.45 -18.07
N PHE A 113 -4.07 -4.36 -17.78
CA PHE A 113 -3.05 -4.86 -18.70
C PHE A 113 -3.08 -6.38 -18.76
N ARG A 114 -3.11 -7.04 -17.61
CA ARG A 114 -3.07 -8.50 -17.59
C ARG A 114 -4.39 -9.12 -18.05
N ASN A 115 -5.48 -8.39 -18.00
CA ASN A 115 -6.78 -8.92 -18.41
C ASN A 115 -7.16 -8.41 -19.80
N GLN A 121 -14.54 -12.19 -14.03
CA GLN A 121 -13.97 -11.68 -12.79
C GLN A 121 -14.42 -10.24 -12.51
N ASP A 122 -15.63 -9.91 -12.92
CA ASP A 122 -16.30 -8.71 -12.43
C ASP A 122 -17.66 -9.12 -11.88
N ARG A 123 -18.52 -8.16 -11.53
CA ARG A 123 -19.83 -8.51 -10.99
C ARG A 123 -20.65 -9.17 -12.08
N GLU A 124 -20.80 -10.49 -11.99
CA GLU A 124 -21.48 -11.28 -13.02
C GLU A 124 -20.92 -10.95 -14.41
N ASN A 125 -19.68 -11.41 -14.61
CA ASN A 125 -18.93 -11.13 -15.83
C ASN A 125 -17.76 -12.10 -15.92
N CYS A 126 -16.98 -11.96 -16.99
CA CYS A 126 -15.78 -12.76 -17.20
C CYS A 126 -14.55 -11.88 -17.01
N VAL A 127 -13.37 -12.45 -17.30
CA VAL A 127 -12.12 -11.76 -17.03
C VAL A 127 -11.99 -10.50 -17.89
N ALA A 128 -12.53 -10.52 -19.11
CA ALA A 128 -12.37 -9.39 -20.00
C ALA A 128 -13.11 -8.16 -19.47
N ALA A 129 -14.28 -8.35 -18.87
CA ALA A 129 -15.03 -7.22 -18.35
C ALA A 129 -14.33 -6.58 -17.16
N TRP A 130 -13.59 -7.36 -16.37
CA TRP A 130 -12.84 -6.80 -15.26
C TRP A 130 -11.69 -5.94 -15.76
N GLY A 131 -11.01 -6.38 -16.83
CA GLY A 131 -9.98 -5.56 -17.43
C GLY A 131 -10.52 -4.24 -17.95
N GLU A 132 -11.70 -4.28 -18.57
CA GLU A 132 -12.33 -3.05 -19.04
C GLU A 132 -12.76 -2.17 -17.87
N GLU A 133 -13.26 -2.78 -16.80
CA GLU A 133 -13.59 -2.01 -15.60
C GLU A 133 -12.33 -1.40 -15.00
N SER A 134 -11.24 -2.18 -14.96
CA SER A 134 -9.98 -1.67 -14.42
C SER A 134 -9.44 -0.52 -15.26
N LYS A 135 -9.58 -0.62 -16.59
CA LYS A 135 -9.12 0.47 -17.44
C LYS A 135 -9.92 1.75 -17.21
N SER A 136 -11.24 1.60 -17.00
CA SER A 136 -12.07 2.77 -16.71
C SER A 136 -11.65 3.45 -15.42
N ARG A 137 -11.17 2.68 -14.45
CA ARG A 137 -10.68 3.28 -13.21
C ARG A 137 -9.40 4.07 -13.44
N VAL A 138 -8.53 3.58 -14.33
CA VAL A 138 -7.34 4.36 -14.71
C VAL A 138 -7.76 5.69 -15.32
N LEU A 139 -8.72 5.65 -16.25
CA LEU A 139 -9.15 6.88 -16.91
C LEU A 139 -9.79 7.86 -15.92
N GLU A 140 -10.48 7.35 -14.91
CA GLU A 140 -11.12 8.24 -13.93
C GLU A 140 -10.10 8.87 -12.99
N PHE A 141 -8.97 8.19 -12.74
CA PHE A 141 -7.97 8.76 -11.84
C PHE A 141 -7.10 9.80 -12.52
N LEU A 142 -6.92 9.71 -13.84
CA LEU A 142 -6.03 10.63 -14.54
C LEU A 142 -6.37 12.11 -14.35
N PRO A 143 -7.63 12.55 -14.39
CA PRO A 143 -7.90 13.97 -14.09
C PRO A 143 -7.46 14.37 -12.70
N THR A 144 -7.65 13.50 -11.71
CA THR A 144 -7.21 13.80 -10.36
C THR A 144 -5.69 14.01 -10.30
N LEU A 145 -4.94 13.17 -11.02
CA LEU A 145 -3.50 13.32 -11.05
C LEU A 145 -3.09 14.60 -11.80
N ASP A 146 -3.76 14.88 -12.91
CA ASP A 146 -3.43 16.09 -13.67
C ASP A 146 -3.70 17.35 -12.85
N THR A 147 -4.82 17.38 -12.12
CA THR A 147 -5.11 18.55 -11.30
C THR A 147 -4.08 18.71 -10.19
N ARG A 148 -3.66 17.61 -9.59
CA ARG A 148 -2.59 17.66 -8.59
C ARG A 148 -1.32 18.26 -9.18
N LEU A 149 -0.93 17.80 -10.38
CA LEU A 149 0.30 18.29 -10.98
C LEU A 149 0.18 19.69 -11.57
N SER A 150 -1.02 20.28 -11.57
CA SER A 150 -1.14 21.70 -11.88
C SER A 150 -0.86 22.58 -10.67
N GLU A 151 -0.89 22.00 -9.47
CA GLU A 151 -0.65 22.75 -8.24
C GLU A 151 0.64 22.34 -7.51
N SER A 152 1.25 21.23 -7.88
CA SER A 152 2.46 20.74 -7.25
C SER A 152 3.44 20.31 -8.32
N GLU A 153 4.73 20.60 -8.11
CA GLU A 153 5.72 20.22 -9.11
C GLU A 153 5.88 18.71 -9.20
N TYR A 154 5.77 18.02 -8.07
CA TYR A 154 5.81 16.57 -8.03
C TYR A 154 4.53 16.06 -7.37
N ILE A 155 4.34 14.74 -7.37
CA ILE A 155 3.03 14.20 -6.99
C ILE A 155 2.77 14.42 -5.50
N ALA A 156 3.68 13.94 -4.65
CA ALA A 156 3.41 13.92 -3.21
C ALA A 156 3.68 15.27 -2.55
N THR A 157 4.76 15.94 -2.96
CA THR A 157 5.21 17.20 -2.37
C THR A 157 5.76 18.07 -3.49
N ASP A 158 6.42 19.16 -3.12
CA ASP A 158 7.16 19.97 -4.09
C ASP A 158 8.53 19.42 -4.40
N GLN A 159 8.92 18.29 -3.80
CA GLN A 159 10.19 17.66 -4.08
C GLN A 159 9.96 16.28 -4.70
N PHE A 160 10.89 15.88 -5.58
CA PHE A 160 10.88 14.53 -6.13
C PHE A 160 10.94 13.51 -5.00
N SER A 161 10.09 12.49 -5.09
CA SER A 161 10.02 11.47 -4.05
C SER A 161 9.73 10.12 -4.71
N VAL A 162 9.68 9.08 -3.87
CA VAL A 162 9.40 7.73 -4.36
C VAL A 162 8.06 7.66 -5.08
N VAL A 163 7.12 8.54 -4.72
CA VAL A 163 5.82 8.54 -5.39
C VAL A 163 5.97 8.86 -6.87
N ASP A 164 6.95 9.70 -7.22
CA ASP A 164 7.15 10.04 -8.62
C ASP A 164 7.74 8.88 -9.41
N ILE A 165 8.52 8.01 -8.76
CA ILE A 165 8.96 6.79 -9.42
C ILE A 165 7.75 5.91 -9.73
N THR A 166 6.88 5.74 -8.74
CA THR A 166 5.69 4.92 -8.92
C THR A 166 4.73 5.54 -9.93
N GLY A 167 4.57 6.86 -9.91
CA GLY A 167 3.73 7.51 -10.90
C GLY A 167 4.25 7.34 -12.32
N TYR A 168 5.58 7.42 -12.47
CA TYR A 168 6.20 7.21 -13.79
C TYR A 168 5.89 5.82 -14.33
N ILE A 169 6.01 4.79 -13.49
CA ILE A 169 5.67 3.44 -13.91
C ILE A 169 4.18 3.34 -14.26
N PHE A 170 3.33 3.98 -13.46
CA PHE A 170 1.89 3.96 -13.72
C PHE A 170 1.57 4.60 -15.07
N ILE A 171 2.11 5.80 -15.32
CA ILE A 171 1.84 6.47 -16.60
C ILE A 171 2.46 5.68 -17.75
N GLY A 172 3.62 5.05 -17.53
CA GLY A 172 4.16 4.15 -18.54
C GLY A 172 3.21 3.02 -18.89
N PHE A 173 2.58 2.43 -17.87
CA PHE A 173 1.54 1.43 -18.10
C PHE A 173 0.44 1.99 -18.98
N ALA A 174 -0.09 3.16 -18.61
CA ALA A 174 -1.24 3.72 -19.29
C ALA A 174 -0.95 4.01 -20.77
N VAL A 175 0.20 4.61 -21.05
CA VAL A 175 0.53 5.03 -22.41
C VAL A 175 1.04 3.85 -23.24
N ASN A 176 2.05 3.15 -22.74
CA ASN A 176 2.73 2.13 -23.52
C ASN A 176 2.13 0.74 -23.38
N GLY A 177 1.31 0.51 -22.36
CA GLY A 177 0.67 -0.78 -22.21
C GLY A 177 -0.81 -0.76 -22.58
N LEU A 178 -1.51 0.31 -22.21
CA LEU A 178 -2.95 0.38 -22.38
C LEU A 178 -3.38 1.32 -23.51
N SER A 179 -2.44 1.93 -24.22
CA SER A 179 -2.73 2.77 -25.39
C SER A 179 -3.64 3.94 -25.03
N ILE A 180 -3.46 4.51 -23.85
CA ILE A 180 -4.18 5.70 -23.44
C ILE A 180 -3.34 6.93 -23.81
N GLU A 181 -3.94 7.86 -24.53
CA GLU A 181 -3.24 9.09 -24.95
C GLU A 181 -3.25 10.09 -23.79
N VAL A 182 -2.45 9.76 -22.77
CA VAL A 182 -2.46 10.56 -21.54
C VAL A 182 -1.96 11.97 -21.81
N PHE A 183 -0.87 12.08 -22.57
CA PHE A 183 -0.17 13.36 -22.69
C PHE A 183 -0.93 14.35 -23.57
N GLU A 184 -1.72 13.85 -24.53
CA GLU A 184 -2.58 14.75 -25.31
C GLU A 184 -3.63 15.40 -24.42
N LYS A 185 -4.22 14.64 -23.50
CA LYS A 185 -5.37 15.10 -22.70
C LYS A 185 -4.97 15.73 -21.37
N TYR A 186 -3.77 15.48 -20.83
CA TYR A 186 -3.42 15.92 -19.50
C TYR A 186 -2.06 16.59 -19.52
N PRO A 187 -2.03 17.91 -19.81
CA PRO A 187 -0.75 18.59 -19.99
C PRO A 187 0.11 18.65 -18.74
N ASN A 188 -0.50 18.64 -17.56
CA ASN A 188 0.28 18.71 -16.33
C ASN A 188 0.94 17.37 -16.04
N ILE A 189 0.27 16.26 -16.31
CA ILE A 189 0.95 14.97 -16.28
C ILE A 189 2.08 14.97 -17.31
N ALA A 190 1.83 15.51 -18.49
CA ALA A 190 2.85 15.53 -19.54
C ALA A 190 4.06 16.35 -19.10
N ARG A 191 3.81 17.55 -18.57
CA ARG A 191 4.88 18.39 -18.03
C ARG A 191 5.70 17.63 -17.00
N TRP A 192 5.03 17.06 -16.01
CA TRP A 192 5.72 16.31 -14.96
C TRP A 192 6.46 15.11 -15.54
N PHE A 193 5.83 14.38 -16.45
CA PHE A 193 6.47 13.21 -17.02
C PHE A 193 7.70 13.59 -17.86
N GLU A 194 7.59 14.66 -18.63
CA GLU A 194 8.76 15.15 -19.37
C GLU A 194 9.90 15.45 -18.40
N GLN A 195 9.57 16.03 -17.25
CA GLN A 195 10.57 16.40 -16.25
C GLN A 195 11.19 15.15 -15.62
N VAL A 196 10.35 14.24 -15.13
CA VAL A 196 10.85 13.06 -14.43
C VAL A 196 11.60 12.13 -15.38
N SER A 197 11.06 11.92 -16.59
CA SER A 197 11.70 11.00 -17.53
C SER A 197 13.05 11.51 -18.02
N ALA A 198 13.40 12.77 -17.75
CA ALA A 198 14.70 13.32 -18.09
C ALA A 198 15.76 13.08 -17.02
N ARG A 199 15.38 12.60 -15.85
CA ARG A 199 16.34 12.39 -14.77
C ARG A 199 17.30 11.25 -15.12
N ASP A 200 18.55 11.39 -14.67
CA ASP A 200 19.57 10.40 -15.00
C ASP A 200 19.17 8.99 -14.57
N ALA A 201 18.53 8.86 -13.40
CA ALA A 201 18.19 7.54 -12.89
C ALA A 201 17.13 6.83 -13.73
N PHE A 202 16.38 7.58 -14.53
CA PHE A 202 15.33 6.99 -15.36
C PHE A 202 15.82 6.62 -16.75
N GLN A 203 17.03 7.03 -17.12
CA GLN A 203 17.59 6.65 -18.41
C GLN A 203 17.84 5.15 -18.44
N SER A 204 17.57 4.53 -19.59
CA SER A 204 17.67 3.08 -19.76
C SER A 204 16.76 2.32 -18.81
N SER A 205 15.66 2.96 -18.38
CA SER A 205 14.63 2.25 -17.63
C SER A 205 13.89 1.22 -18.47
N GLY A 206 14.11 1.22 -19.78
CA GLY A 206 13.38 0.32 -20.65
C GLY A 206 11.96 0.74 -20.96
N LEU A 207 11.63 2.02 -20.69
CA LEU A 207 10.26 2.50 -20.88
C LEU A 207 9.69 2.07 -22.23
N GLU A 208 10.49 2.16 -23.29
CA GLU A 208 10.02 1.86 -24.63
C GLU A 208 9.66 0.38 -24.81
N VAL A 209 10.27 -0.50 -24.02
CA VAL A 209 10.06 -1.94 -24.13
C VAL A 209 9.50 -2.55 -22.85
N LEU A 210 9.29 -1.75 -21.80
CA LEU A 210 8.92 -2.31 -20.51
C LEU A 210 7.53 -2.93 -20.51
N PHE A 211 6.65 -2.47 -21.40
CA PHE A 211 5.26 -2.89 -21.37
C PHE A 211 4.84 -3.60 -22.66
N GLN A 212 5.78 -4.26 -23.31
CA GLN A 212 5.47 -5.10 -24.46
C GLN A 212 4.70 -6.34 -24.04
N MET B 1 -4.84 20.00 15.57
CA MET B 1 -5.36 19.15 14.51
C MET B 1 -6.66 18.48 14.93
N LYS B 2 -7.45 18.05 13.95
CA LYS B 2 -8.71 17.38 14.19
C LYS B 2 -8.86 16.21 13.22
N LEU B 3 -9.56 15.18 13.68
CA LEU B 3 -9.76 13.95 12.91
C LEU B 3 -11.23 13.81 12.53
N TYR B 4 -11.51 13.86 11.22
CA TYR B 4 -12.85 13.66 10.70
C TYR B 4 -13.09 12.19 10.46
N GLU B 5 -14.22 11.68 10.94
CA GLU B 5 -14.51 10.25 10.90
C GLU B 5 -16.01 10.04 10.94
N THR B 6 -16.44 8.87 10.46
CA THR B 6 -17.79 8.40 10.70
C THR B 6 -17.78 7.45 11.91
N ALA B 7 -18.98 7.12 12.40
CA ALA B 7 -19.11 6.57 13.75
C ALA B 7 -18.52 5.17 13.88
N MET B 8 -18.67 4.33 12.85
CA MET B 8 -18.32 2.92 12.99
C MET B 8 -17.99 2.37 11.61
N THR B 9 -16.75 2.59 11.18
N THR B 9 -16.74 2.56 11.20
CA THR B 9 -16.31 2.08 9.89
CA THR B 9 -16.26 2.18 9.87
C THR B 9 -14.86 1.62 10.01
C THR B 9 -14.84 1.64 10.02
N PRO B 10 -14.50 0.55 9.31
CA PRO B 10 -13.16 -0.04 9.53
C PRO B 10 -11.99 0.90 9.28
N SER B 11 -12.09 1.72 8.23
N SER B 11 -12.04 1.75 8.25
CA SER B 11 -11.04 2.68 7.89
CA SER B 11 -10.88 2.58 7.97
C SER B 11 -10.71 3.58 9.07
C SER B 11 -10.69 3.69 9.01
N CYS B 12 -11.74 4.08 9.74
CA CYS B 12 -11.56 5.01 10.84
C CYS B 12 -11.11 4.28 12.10
N LYS B 13 -11.58 3.05 12.31
CA LYS B 13 -11.15 2.27 13.47
C LYS B 13 -9.66 1.95 13.39
N ARG B 14 -9.11 1.79 12.17
CA ARG B 14 -7.67 1.58 12.06
C ARG B 14 -6.89 2.71 12.72
N VAL B 15 -7.33 3.95 12.49
CA VAL B 15 -6.67 5.10 13.12
C VAL B 15 -6.99 5.16 14.61
N SER B 16 -8.25 4.87 14.98
CA SER B 16 -8.63 4.94 16.39
C SER B 16 -7.82 3.99 17.25
N ILE B 17 -7.61 2.77 16.79
CA ILE B 17 -6.83 1.79 17.56
C ILE B 17 -5.38 2.23 17.64
N PHE B 18 -4.82 2.68 16.52
CA PHE B 18 -3.44 3.18 16.50
C PHE B 18 -3.25 4.30 17.51
N LEU B 19 -4.17 5.26 17.55
CA LEU B 19 -4.07 6.37 18.48
C LEU B 19 -4.09 5.91 19.93
N LYS B 20 -4.98 4.96 20.25
CA LYS B 20 -5.02 4.44 21.61
C LYS B 20 -3.73 3.71 21.96
N GLU B 21 -3.14 3.00 20.99
CA GLU B 21 -1.90 2.28 21.25
C GLU B 21 -0.78 3.24 21.66
N ILE B 22 -0.62 4.34 20.93
CA ILE B 22 0.49 5.25 21.21
C ILE B 22 0.15 6.28 22.27
N GLY B 23 -1.06 6.26 22.81
CA GLY B 23 -1.43 7.17 23.87
C GLY B 23 -1.70 8.58 23.42
N GLY B 24 -2.12 8.76 22.17
CA GLY B 24 -2.41 10.07 21.63
C GLY B 24 -3.88 10.41 21.71
N GLU B 25 -4.17 11.71 21.82
CA GLU B 25 -5.53 12.21 21.85
C GLU B 25 -5.68 13.27 20.78
N VAL B 26 -6.67 13.11 19.91
CA VAL B 26 -6.94 14.04 18.82
C VAL B 26 -8.43 14.33 18.80
N GLU B 27 -8.77 15.61 18.77
CA GLU B 27 -10.18 16.01 18.70
C GLU B 27 -10.85 15.39 17.48
N ARG B 28 -12.01 14.79 17.69
CA ARG B 28 -12.77 14.15 16.64
C ARG B 28 -13.89 15.07 16.16
N VAL B 29 -14.18 14.99 14.86
CA VAL B 29 -15.34 15.64 14.26
C VAL B 29 -16.13 14.57 13.53
N ALA B 30 -17.35 14.32 13.97
CA ALA B 30 -18.19 13.32 13.34
C ALA B 30 -18.78 13.85 12.04
N LEU B 31 -18.80 12.98 11.02
CA LEU B 31 -19.43 13.26 9.74
C LEU B 31 -20.55 12.26 9.49
N ASN B 32 -21.47 12.65 8.60
CA ASN B 32 -22.45 11.68 8.10
C ASN B 32 -21.80 10.65 7.19
N VAL B 33 -22.38 9.45 7.17
CA VAL B 33 -21.97 8.40 6.23
C VAL B 33 -22.55 8.70 4.86
N ARG B 34 -21.75 8.49 3.80
CA ARG B 34 -22.24 8.61 2.43
C ARG B 34 -22.35 7.22 1.85
N GLU B 35 -21.35 6.75 1.08
CA GLU B 35 -21.41 5.40 0.51
C GLU B 35 -19.99 4.96 0.17
N GLY B 36 -19.49 3.96 0.90
CA GLY B 36 -18.15 3.45 0.67
C GLY B 36 -17.06 4.37 1.19
N ASP B 37 -17.11 4.68 2.48
CA ASP B 37 -16.19 5.61 3.14
C ASP B 37 -16.33 7.03 2.63
N ASN B 38 -17.28 7.29 1.73
CA ASN B 38 -17.25 8.48 0.90
C ASN B 38 -17.65 9.74 1.65
N LEU B 39 -17.15 10.87 1.16
CA LEU B 39 -17.47 12.20 1.64
C LEU B 39 -18.58 12.80 0.78
N SER B 40 -19.23 13.82 1.33
CA SER B 40 -20.30 14.49 0.60
C SER B 40 -19.74 15.23 -0.62
N GLU B 41 -20.65 15.67 -1.49
CA GLU B 41 -20.25 16.40 -2.68
C GLU B 41 -19.57 17.72 -2.32
N SER B 42 -19.98 18.34 -1.21
CA SER B 42 -19.38 19.60 -0.77
C SER B 42 -18.15 19.39 0.10
N PHE B 43 -17.89 18.17 0.56
CA PHE B 43 -16.78 17.87 1.44
C PHE B 43 -15.67 17.05 0.76
N LYS B 44 -15.90 16.56 -0.46
CA LYS B 44 -15.01 15.57 -1.07
C LYS B 44 -13.68 16.17 -1.54
N GLN B 45 -13.65 17.46 -1.88
CA GLN B 45 -12.41 18.08 -2.35
C GLN B 45 -11.36 18.19 -1.25
N LYS B 46 -11.79 18.15 0.02
CA LYS B 46 -10.84 18.13 1.14
C LYS B 46 -10.04 16.84 1.21
N SER B 47 -10.54 15.77 0.60
CA SER B 47 -9.93 14.45 0.71
C SER B 47 -9.47 13.98 -0.66
N VAL B 48 -8.17 13.70 -0.78
CA VAL B 48 -7.61 13.30 -2.05
C VAL B 48 -8.23 12.00 -2.55
N ASN B 49 -8.44 11.03 -1.66
CA ASN B 49 -9.12 9.80 -2.03
C ASN B 49 -10.63 9.89 -1.86
N GLY B 50 -11.14 11.01 -1.36
CA GLY B 50 -12.57 11.22 -1.24
C GLY B 50 -13.25 10.43 -0.14
N LYS B 51 -12.52 10.09 0.92
CA LYS B 51 -13.04 9.20 1.95
C LYS B 51 -12.60 9.66 3.34
N VAL B 52 -13.26 9.12 4.35
CA VAL B 52 -12.82 9.23 5.75
C VAL B 52 -11.95 8.01 6.04
N PRO B 53 -11.04 8.06 7.02
CA PRO B 53 -10.74 9.20 7.91
C PRO B 53 -9.95 10.31 7.24
N LEU B 54 -10.04 11.50 7.81
CA LEU B 54 -9.38 12.69 7.27
C LEU B 54 -8.79 13.46 8.44
N LEU B 55 -7.48 13.68 8.42
CA LEU B 55 -6.80 14.46 9.46
C LEU B 55 -6.57 15.86 8.92
N GLU B 56 -7.10 16.87 9.62
CA GLU B 56 -6.95 18.26 9.22
C GLU B 56 -6.00 18.96 10.17
N LEU B 57 -4.97 19.59 9.62
CA LEU B 57 -4.00 20.33 10.43
C LEU B 57 -4.44 21.79 10.55
N ASP B 58 -3.75 22.52 11.43
CA ASP B 58 -4.20 23.86 11.81
C ASP B 58 -4.31 24.79 10.61
N ASP B 59 -3.41 24.69 9.64
CA ASP B 59 -3.42 25.59 8.50
C ASP B 59 -4.34 25.10 7.37
N GLY B 60 -5.13 24.05 7.60
CA GLY B 60 -6.05 23.55 6.62
C GLY B 60 -5.53 22.38 5.80
N THR B 61 -4.24 22.06 5.91
CA THR B 61 -3.70 20.88 5.25
C THR B 61 -4.43 19.63 5.72
N THR B 62 -4.77 18.75 4.78
CA THR B 62 -5.48 17.52 5.10
C THR B 62 -4.67 16.31 4.66
N ILE B 63 -4.74 15.25 5.46
CA ILE B 63 -4.10 13.98 5.17
C ILE B 63 -5.18 12.89 5.19
N CYS B 64 -5.35 12.19 4.07
CA CYS B 64 -6.22 11.03 3.98
C CYS B 64 -5.36 9.76 3.89
N GLU B 65 -6.04 8.61 3.77
CA GLU B 65 -5.46 7.27 3.86
C GLU B 65 -5.13 6.93 5.31
N SER B 66 -5.72 5.84 5.83
N SER B 66 -5.72 5.84 5.83
CA SER B 66 -5.58 5.53 7.25
CA SER B 66 -5.58 5.51 7.24
C SER B 66 -4.11 5.36 7.65
C SER B 66 -4.12 5.35 7.64
N VAL B 67 -3.32 4.68 6.81
CA VAL B 67 -1.92 4.43 7.17
C VAL B 67 -1.11 5.72 7.15
N ALA B 68 -1.43 6.63 6.22
CA ALA B 68 -0.74 7.92 6.17
C ALA B 68 -1.05 8.74 7.42
N ILE B 69 -2.30 8.71 7.88
CA ILE B 69 -2.68 9.40 9.10
C ILE B 69 -1.94 8.80 10.29
N CYS B 70 -1.88 7.47 10.36
CA CYS B 70 -1.15 6.81 11.44
C CYS B 70 0.32 7.19 11.45
N ARG B 71 0.95 7.25 10.28
CA ARG B 71 2.36 7.65 10.23
C ARG B 71 2.54 9.06 10.77
N TYR B 72 1.68 10.00 10.37
CA TYR B 72 1.77 11.36 10.91
C TYR B 72 1.59 11.36 12.42
N LEU B 73 0.59 10.62 12.91
CA LEU B 73 0.33 10.63 14.36
C LEU B 73 1.41 9.93 15.15
N ASP B 74 2.07 8.92 14.55
CA ASP B 74 3.21 8.29 15.21
C ASP B 74 4.29 9.30 15.53
N GLU B 75 4.57 10.21 14.58
CA GLU B 75 5.57 11.25 14.82
C GLU B 75 5.04 12.39 15.67
N ALA B 76 3.71 12.52 15.79
CA ALA B 76 3.13 13.61 16.57
C ALA B 76 3.18 13.35 18.07
N PHE B 77 3.15 12.08 18.49
CA PHE B 77 3.10 11.71 19.91
C PHE B 77 4.26 10.78 20.22
N GLU B 78 5.19 11.25 21.05
CA GLU B 78 6.33 10.43 21.44
C GLU B 78 5.85 9.15 22.13
N ASN B 79 6.37 8.01 21.69
CA ASN B 79 5.92 6.73 22.22
C ASN B 79 7.01 5.70 21.97
N ASP B 80 6.94 4.60 22.71
CA ASP B 80 7.95 3.55 22.62
C ASP B 80 7.41 2.26 22.01
N LEU B 81 6.29 2.32 21.31
N LEU B 81 6.30 2.32 21.29
CA LEU B 81 5.73 1.12 20.71
CA LEU B 81 5.71 1.13 20.71
C LEU B 81 6.41 0.75 19.40
C LEU B 81 6.31 0.77 19.36
N ALA B 82 6.91 1.73 18.66
CA ALA B 82 7.56 1.51 17.37
C ALA B 82 6.66 0.72 16.42
N LEU B 83 5.42 1.20 16.27
CA LEU B 83 4.44 0.45 15.49
C LEU B 83 4.83 0.33 14.01
N PHE B 84 5.72 1.19 13.51
CA PHE B 84 6.21 1.04 12.15
C PHE B 84 7.57 0.35 12.08
N GLY B 85 8.08 -0.13 13.21
CA GLY B 85 9.33 -0.92 13.19
C GLY B 85 10.38 -0.21 14.01
N ALA B 86 11.06 -0.99 14.87
CA ALA B 86 11.97 -0.39 15.84
C ALA B 86 13.37 -0.15 15.28
N ASN B 87 13.77 -0.88 14.25
CA ASN B 87 15.07 -0.69 13.63
C ASN B 87 14.92 -0.77 12.11
N GLN B 88 16.04 -0.65 11.41
CA GLN B 88 16.02 -0.61 9.94
C GLN B 88 15.38 -1.86 9.36
N LEU B 89 15.80 -3.04 9.83
CA LEU B 89 15.23 -4.28 9.31
C LEU B 89 13.73 -4.38 9.62
N GLU B 90 13.35 -4.08 10.87
CA GLU B 90 11.93 -4.15 11.23
C GLU B 90 11.09 -3.20 10.39
N ARG B 91 11.64 -2.01 10.09
CA ARG B 91 10.88 -1.06 9.28
C ARG B 91 10.59 -1.61 7.90
N ALA B 92 11.56 -2.33 7.31
CA ALA B 92 11.36 -2.94 6.00
C ALA B 92 10.43 -4.15 6.10
N GLN B 93 10.54 -4.93 7.18
CA GLN B 93 9.66 -6.07 7.35
C GLN B 93 8.23 -5.63 7.59
N VAL B 94 8.05 -4.55 8.37
CA VAL B 94 6.71 -3.99 8.57
C VAL B 94 6.11 -3.57 7.23
N GLU B 95 6.90 -2.85 6.41
CA GLU B 95 6.42 -2.44 5.09
C GLU B 95 6.06 -3.65 4.25
N MET B 96 6.90 -4.68 4.26
CA MET B 96 6.65 -5.88 3.46
C MET B 96 5.38 -6.58 3.90
N TRP B 97 5.26 -6.89 5.18
CA TRP B 97 4.10 -7.64 5.65
C TRP B 97 2.84 -6.78 5.64
N HIS B 98 2.96 -5.47 5.80
CA HIS B 98 1.77 -4.63 5.71
C HIS B 98 1.16 -4.71 4.32
N ARG B 99 1.99 -4.60 3.29
CA ARG B 99 1.49 -4.64 1.92
C ARG B 99 0.95 -6.02 1.58
N VAL B 100 1.59 -7.07 2.08
CA VAL B 100 1.10 -8.43 1.86
C VAL B 100 -0.27 -8.61 2.50
N VAL B 101 -0.40 -8.24 3.77
CA VAL B 101 -1.69 -8.36 4.46
C VAL B 101 -2.74 -7.50 3.77
N GLU B 102 -2.36 -6.30 3.35
CA GLU B 102 -3.33 -5.38 2.76
C GLU B 102 -3.81 -5.87 1.39
N PHE B 103 -2.88 -6.24 0.51
CA PHE B 103 -3.27 -6.63 -0.83
C PHE B 103 -3.92 -8.01 -0.84
N GLN B 104 -3.29 -8.97 -0.17
CA GLN B 104 -3.75 -10.35 -0.20
C GLN B 104 -4.90 -10.62 0.77
N GLY B 105 -5.03 -9.80 1.81
CA GLY B 105 -6.06 -10.01 2.80
C GLY B 105 -7.11 -8.92 2.83
N LEU B 106 -6.73 -7.73 3.30
CA LEU B 106 -7.71 -6.69 3.59
C LEU B 106 -8.47 -6.26 2.33
N TYR B 107 -7.74 -5.93 1.26
CA TYR B 107 -8.40 -5.41 0.06
C TYR B 107 -9.29 -6.47 -0.58
N ALA B 108 -8.83 -7.71 -0.62
CA ALA B 108 -9.67 -8.79 -1.14
C ALA B 108 -10.92 -8.98 -0.29
N ALA B 109 -10.77 -8.89 1.03
CA ALA B 109 -11.95 -8.99 1.91
C ALA B 109 -12.92 -7.84 1.67
N PHE B 110 -12.39 -6.62 1.51
CA PHE B 110 -13.23 -5.47 1.16
C PHE B 110 -14.02 -5.74 -0.12
N GLN B 111 -13.33 -6.20 -1.16
CA GLN B 111 -13.97 -6.47 -2.44
C GLN B 111 -15.03 -7.56 -2.31
N ALA B 112 -14.72 -8.63 -1.57
CA ALA B 112 -15.69 -9.70 -1.37
C ALA B 112 -16.88 -9.23 -0.55
N PHE B 113 -16.67 -8.31 0.39
CA PHE B 113 -17.75 -7.88 1.26
C PHE B 113 -18.76 -7.02 0.50
N ARG B 114 -18.28 -5.96 -0.17
CA ARG B 114 -19.18 -5.07 -0.88
C ARG B 114 -19.90 -5.76 -2.04
N ASN B 115 -19.34 -6.84 -2.57
CA ASN B 115 -19.99 -7.60 -3.63
C ASN B 115 -20.83 -8.74 -3.06
N ALA B 128 -20.98 -10.43 -8.75
CA ALA B 128 -20.85 -11.60 -7.87
C ALA B 128 -19.59 -12.39 -8.22
N ALA B 129 -19.26 -12.46 -9.51
CA ALA B 129 -18.11 -13.27 -9.93
C ALA B 129 -16.80 -12.69 -9.42
N TRP B 130 -16.68 -11.36 -9.36
CA TRP B 130 -15.47 -10.76 -8.79
C TRP B 130 -15.46 -10.86 -7.28
N GLY B 131 -16.61 -10.69 -6.65
CA GLY B 131 -16.69 -10.88 -5.21
C GLY B 131 -16.34 -12.30 -4.80
N GLU B 132 -16.80 -13.28 -5.59
CA GLU B 132 -16.46 -14.67 -5.32
C GLU B 132 -14.97 -14.92 -5.56
N GLU B 133 -14.41 -14.32 -6.60
CA GLU B 133 -12.98 -14.44 -6.84
C GLU B 133 -12.19 -13.78 -5.71
N SER B 134 -12.65 -12.61 -5.26
CA SER B 134 -11.98 -11.95 -4.14
C SER B 134 -12.06 -12.79 -2.87
N LYS B 135 -13.20 -13.44 -2.63
CA LYS B 135 -13.31 -14.29 -1.45
C LYS B 135 -12.35 -15.47 -1.55
N SER B 136 -12.18 -16.04 -2.74
CA SER B 136 -11.25 -17.16 -2.90
C SER B 136 -9.82 -16.74 -2.59
N ARG B 137 -9.45 -15.50 -2.92
CA ARG B 137 -8.11 -15.03 -2.63
C ARG B 137 -7.90 -14.87 -1.14
N VAL B 138 -8.94 -14.42 -0.42
CA VAL B 138 -8.89 -14.38 1.04
C VAL B 138 -8.65 -15.78 1.60
N LEU B 139 -9.39 -16.78 1.09
CA LEU B 139 -9.25 -18.14 1.59
C LEU B 139 -7.88 -18.71 1.28
N GLU B 140 -7.27 -18.29 0.17
CA GLU B 140 -5.93 -18.76 -0.16
C GLU B 140 -4.85 -18.09 0.67
N PHE B 141 -5.11 -16.90 1.19
CA PHE B 141 -4.11 -16.21 2.00
C PHE B 141 -4.08 -16.72 3.44
N LEU B 142 -5.22 -17.20 3.95
CA LEU B 142 -5.30 -17.59 5.35
C LEU B 142 -4.28 -18.66 5.75
N PRO B 143 -4.05 -19.73 4.99
CA PRO B 143 -2.98 -20.67 5.40
C PRO B 143 -1.60 -20.04 5.40
N THR B 144 -1.33 -19.10 4.49
CA THR B 144 -0.06 -18.38 4.53
C THR B 144 0.06 -17.58 5.83
N LEU B 145 -1.01 -16.90 6.24
CA LEU B 145 -0.96 -16.15 7.48
C LEU B 145 -0.85 -17.07 8.68
N ASP B 146 -1.59 -18.19 8.67
CA ASP B 146 -1.52 -19.11 9.80
C ASP B 146 -0.12 -19.71 9.94
N THR B 147 0.51 -20.07 8.83
CA THR B 147 1.87 -20.61 8.90
C THR B 147 2.85 -19.57 9.44
N ARG B 148 2.69 -18.31 9.03
CA ARG B 148 3.53 -17.25 9.58
C ARG B 148 3.36 -17.14 11.08
N LEU B 149 2.12 -17.15 11.57
CA LEU B 149 1.87 -17.01 12.99
C LEU B 149 2.22 -18.26 13.79
N SER B 150 2.55 -19.37 13.13
CA SER B 150 3.07 -20.53 13.85
C SER B 150 4.54 -20.36 14.21
N GLU B 151 5.26 -19.43 13.58
CA GLU B 151 6.66 -19.24 13.88
C GLU B 151 7.01 -17.80 14.26
N SER B 152 6.04 -16.91 14.33
CA SER B 152 6.26 -15.54 14.78
C SER B 152 5.11 -15.14 15.68
N GLU B 153 5.42 -14.47 16.80
CA GLU B 153 4.35 -14.08 17.72
C GLU B 153 3.41 -13.07 17.08
N TYR B 154 3.94 -12.17 16.28
CA TYR B 154 3.14 -11.19 15.55
C TYR B 154 3.46 -11.30 14.07
N ILE B 155 2.68 -10.60 13.24
CA ILE B 155 2.72 -10.84 11.80
C ILE B 155 4.04 -10.40 11.21
N ALA B 156 4.47 -9.18 11.48
CA ALA B 156 5.60 -8.60 10.77
C ALA B 156 6.94 -8.90 11.43
N THR B 157 6.98 -8.86 12.77
CA THR B 157 8.21 -9.02 13.53
C THR B 157 7.88 -9.78 14.81
N ASP B 158 8.84 -9.81 15.74
CA ASP B 158 8.61 -10.41 17.04
C ASP B 158 7.79 -9.54 17.98
N GLN B 159 7.47 -8.30 17.57
N GLN B 159 7.47 -8.30 17.59
CA GLN B 159 6.75 -7.36 18.40
CA GLN B 159 6.70 -7.43 18.47
C GLN B 159 5.47 -6.91 17.70
C GLN B 159 5.50 -6.86 17.72
N PHE B 160 4.51 -6.45 18.51
CA PHE B 160 3.27 -5.88 17.98
C PHE B 160 3.58 -4.66 17.13
N SER B 161 2.97 -4.59 15.94
CA SER B 161 3.20 -3.49 15.01
C SER B 161 1.88 -3.09 14.37
N VAL B 162 1.94 -2.08 13.50
CA VAL B 162 0.75 -1.62 12.79
C VAL B 162 0.18 -2.73 11.93
N VAL B 163 1.03 -3.68 11.47
CA VAL B 163 0.52 -4.77 10.65
C VAL B 163 -0.47 -5.61 11.43
N ASP B 164 -0.31 -5.70 12.76
CA ASP B 164 -1.24 -6.48 13.56
C ASP B 164 -2.58 -5.76 13.71
N ILE B 165 -2.59 -4.43 13.71
CA ILE B 165 -3.85 -3.69 13.67
C ILE B 165 -4.57 -3.99 12.35
N THR B 166 -3.83 -3.90 11.24
CA THR B 166 -4.43 -4.17 9.94
C THR B 166 -4.89 -5.61 9.83
N GLY B 167 -4.05 -6.56 10.27
CA GLY B 167 -4.47 -7.96 10.24
C GLY B 167 -5.71 -8.22 11.07
N TYR B 168 -5.81 -7.57 12.23
CA TYR B 168 -6.99 -7.71 13.08
C TYR B 168 -8.25 -7.24 12.36
N ILE B 169 -8.17 -6.10 11.67
CA ILE B 169 -9.32 -5.63 10.89
C ILE B 169 -9.63 -6.63 9.76
N PHE B 170 -8.59 -7.15 9.11
CA PHE B 170 -8.79 -8.11 8.03
C PHE B 170 -9.50 -9.37 8.52
N ILE B 171 -9.00 -9.95 9.62
CA ILE B 171 -9.64 -11.16 10.13
C ILE B 171 -11.04 -10.85 10.64
N GLY B 172 -11.23 -9.67 11.23
CA GLY B 172 -12.58 -9.25 11.58
C GLY B 172 -13.50 -9.21 10.39
N PHE B 173 -13.03 -8.67 9.26
CA PHE B 173 -13.78 -8.74 8.02
C PHE B 173 -14.12 -10.19 7.67
N ALA B 174 -13.12 -11.07 7.68
CA ALA B 174 -13.31 -12.45 7.26
C ALA B 174 -14.35 -13.16 8.12
N VAL B 175 -14.26 -13.02 9.44
CA VAL B 175 -15.13 -13.77 10.34
C VAL B 175 -16.51 -13.12 10.45
N ASN B 176 -16.55 -11.83 10.77
CA ASN B 176 -17.81 -11.16 11.06
C ASN B 176 -18.47 -10.55 9.83
N GLY B 177 -17.74 -10.37 8.74
CA GLY B 177 -18.33 -9.84 7.53
C GLY B 177 -18.58 -10.90 6.47
N LEU B 178 -17.62 -11.82 6.30
CA LEU B 178 -17.70 -12.83 5.24
C LEU B 178 -18.11 -14.21 5.74
N SER B 179 -18.31 -14.38 7.05
CA SER B 179 -18.78 -15.65 7.62
C SER B 179 -17.81 -16.79 7.35
N ILE B 180 -16.52 -16.49 7.35
CA ILE B 180 -15.49 -17.51 7.22
C ILE B 180 -15.12 -18.00 8.61
N GLU B 181 -15.09 -19.33 8.78
CA GLU B 181 -14.74 -19.91 10.09
C GLU B 181 -13.22 -20.00 10.21
N VAL B 182 -12.61 -18.83 10.39
CA VAL B 182 -11.15 -18.74 10.42
C VAL B 182 -10.59 -19.47 11.63
N PHE B 183 -11.20 -19.25 12.80
CA PHE B 183 -10.61 -19.74 14.03
C PHE B 183 -10.77 -21.25 14.19
N GLU B 184 -11.81 -21.83 13.58
CA GLU B 184 -11.95 -23.28 13.57
C GLU B 184 -10.83 -23.93 12.78
N LYS B 185 -10.42 -23.30 11.69
CA LYS B 185 -9.50 -23.92 10.74
C LYS B 185 -8.04 -23.54 10.93
N TYR B 186 -7.77 -22.39 11.56
CA TYR B 186 -6.41 -21.84 11.61
C TYR B 186 -6.05 -21.48 13.04
N PRO B 187 -5.52 -22.44 13.80
CA PRO B 187 -5.30 -22.20 15.25
C PRO B 187 -4.28 -21.13 15.54
N ASN B 188 -3.31 -20.90 14.63
CA ASN B 188 -2.28 -19.90 14.89
C ASN B 188 -2.82 -18.49 14.68
N ILE B 189 -3.64 -18.30 13.66
CA ILE B 189 -4.38 -17.04 13.55
C ILE B 189 -5.23 -16.83 14.80
N ALA B 190 -5.92 -17.90 15.23
CA ALA B 190 -6.79 -17.78 16.41
C ALA B 190 -5.99 -17.44 17.66
N ARG B 191 -4.85 -18.11 17.86
CA ARG B 191 -3.96 -17.76 18.97
C ARG B 191 -3.59 -16.28 18.93
N TRP B 192 -3.10 -15.81 17.78
CA TRP B 192 -2.69 -14.42 17.64
C TRP B 192 -3.86 -13.47 17.83
N PHE B 193 -5.02 -13.81 17.27
CA PHE B 193 -6.18 -12.93 17.38
C PHE B 193 -6.67 -12.83 18.82
N GLU B 194 -6.74 -13.96 19.52
CA GLU B 194 -7.09 -13.94 20.94
C GLU B 194 -6.16 -13.01 21.71
N GLN B 195 -4.87 -13.06 21.39
CA GLN B 195 -3.87 -12.23 22.05
C GLN B 195 -4.07 -10.75 21.73
N VAL B 196 -4.17 -10.41 20.45
CA VAL B 196 -4.26 -9.03 20.03
C VAL B 196 -5.58 -8.40 20.51
N SER B 197 -6.69 -9.14 20.37
CA SER B 197 -7.98 -8.59 20.76
C SER B 197 -8.11 -8.37 22.26
N ALA B 198 -7.17 -8.85 23.07
CA ALA B 198 -7.17 -8.60 24.50
C ALA B 198 -6.44 -7.31 24.87
N ARG B 199 -5.74 -6.68 23.92
CA ARG B 199 -5.03 -5.45 24.21
C ARG B 199 -6.01 -4.32 24.56
N ASP B 200 -5.58 -3.43 25.46
CA ASP B 200 -6.44 -2.33 25.90
C ASP B 200 -6.93 -1.50 24.72
N ALA B 201 -6.05 -1.20 23.76
CA ALA B 201 -6.40 -0.32 22.67
C ALA B 201 -7.46 -0.92 21.75
N PHE B 202 -7.65 -2.23 21.78
CA PHE B 202 -8.63 -2.87 20.92
C PHE B 202 -10.00 -2.98 21.58
N GLN B 203 -10.11 -2.67 22.87
CA GLN B 203 -11.38 -2.76 23.56
C GLN B 203 -12.32 -1.68 23.05
N SER B 204 -13.61 -2.03 22.96
CA SER B 204 -14.64 -1.15 22.39
C SER B 204 -14.30 -0.73 20.96
N SER B 205 -13.52 -1.55 20.25
CA SER B 205 -13.27 -1.32 18.83
C SER B 205 -14.54 -1.48 18.00
N GLY B 206 -15.61 -1.99 18.59
CA GLY B 206 -16.83 -2.25 17.85
C GLY B 206 -16.78 -3.50 16.99
N LEU B 207 -15.84 -4.41 17.26
CA LEU B 207 -15.68 -5.61 16.44
C LEU B 207 -17.01 -6.31 16.21
N GLU B 208 -17.84 -6.42 17.25
CA GLU B 208 -19.10 -7.14 17.14
C GLU B 208 -20.10 -6.47 16.22
N VAL B 209 -19.98 -5.16 16.01
CA VAL B 209 -20.90 -4.41 15.15
C VAL B 209 -20.21 -3.77 13.97
N LEU B 210 -18.88 -3.90 13.86
CA LEU B 210 -18.14 -3.14 12.85
C LEU B 210 -18.45 -3.60 11.43
N PHE B 211 -18.82 -4.87 11.24
CA PHE B 211 -19.00 -5.42 9.91
C PHE B 211 -20.44 -5.87 9.66
N GLN B 212 -21.40 -5.27 10.36
CA GLN B 212 -22.81 -5.55 10.12
C GLN B 212 -23.25 -4.95 8.79
C1 PEG C . 14.59 6.32 8.98
O1 PEG C . 14.28 7.19 10.04
C2 PEG C . 15.89 6.66 8.35
O2 PEG C . 15.70 7.06 7.00
C3 PEG C . 16.94 7.28 6.34
C4 PEG C . 18.05 7.19 7.33
O4 PEG C . 19.28 6.84 6.74
C1 PEG D . -8.85 1.97 5.41
O1 PEG D . -9.25 0.63 5.27
C2 PEG D . -8.08 2.46 4.22
O2 PEG D . -7.59 3.78 4.45
C3 PEG D . -8.17 4.74 3.59
C4 PEG D . -9.51 5.15 4.11
O4 PEG D . -10.23 5.92 3.18
S SO4 E . 18.53 1.41 13.59
O1 SO4 E . 17.32 2.17 13.64
O2 SO4 E . 18.62 0.62 14.79
O3 SO4 E . 19.64 2.30 13.52
O4 SO4 E . 18.52 0.54 12.47
#